data_3MAO
#
_entry.id   3MAO
#
_cell.length_a   34.054
_cell.length_b   47.473
_cell.length_c   57.809
_cell.angle_alpha   90.00
_cell.angle_beta   90.00
_cell.angle_gamma   90.00
#
_symmetry.space_group_name_H-M   'P 21 21 21'
#
loop_
_entity.id
_entity.type
_entity.pdbx_description
1 polymer 'Methionine-R-sulfoxide reductase B1'
2 non-polymer 'FE (III) ION'
3 non-polymer 'SODIUM ION'
4 non-polymer 'MALONATE ION'
5 water water
#
_entity_poly.entity_id   1
_entity_poly.type   'polypeptide(L)'
_entity_poly.pdbx_seq_one_letter_code
;SMEVFQNHFEPGVYVCAKCGYELFSSRSKYAHSSPWPAFTETIHADSVAKRPEHNRSEALKVSCGKCGNGLGHEFLNDGP
KPGQSRFSIFSSSLKFVPKGKETSA
;
_entity_poly.pdbx_strand_id   A
#
loop_
_chem_comp.id
_chem_comp.type
_chem_comp.name
_chem_comp.formula
FE non-polymer 'FE (III) ION' 'Fe 3'
MLI non-polymer 'MALONATE ION' 'C3 H2 O4 -2'
NA non-polymer 'SODIUM ION' 'Na 1'
U RNA linking URIDINE-5'-MONOPHOSPHATE 'C9 H13 N2 O9 P'
#
# COMPACT_ATOMS: atom_id res chain seq x y z
N SER A 1 1.72 16.78 -12.15
CA SER A 1 0.99 15.50 -12.41
C SER A 1 0.84 14.72 -11.11
N MET A 2 -0.28 14.03 -10.98
CA MET A 2 -0.56 13.26 -9.76
C MET A 2 0.29 12.00 -9.67
N GLU A 3 0.55 11.56 -8.44
CA GLU A 3 1.25 10.29 -8.15
CA GLU A 3 1.28 10.32 -8.22
C GLU A 3 0.53 9.11 -8.75
N VAL A 4 1.25 8.29 -9.51
CA VAL A 4 0.74 7.03 -10.01
C VAL A 4 1.83 5.96 -9.80
N PHE A 5 1.58 5.04 -8.89
CA PHE A 5 2.58 4.03 -8.56
C PHE A 5 2.39 2.66 -9.19
N GLN A 6 1.37 2.47 -10.02
CA GLN A 6 1.14 1.18 -10.62
C GLN A 6 2.40 0.56 -11.21
N ASN A 7 3.17 1.32 -11.96
CA ASN A 7 4.33 0.77 -12.68
C ASN A 7 5.67 1.18 -12.08
N HIS A 8 5.63 1.64 -10.82
CA HIS A 8 6.77 2.14 -10.09
C HIS A 8 7.36 1.02 -9.21
N PHE A 9 8.64 0.70 -9.38
CA PHE A 9 9.31 -0.37 -8.64
C PHE A 9 10.71 -0.01 -8.14
N GLU A 10 10.90 1.20 -7.71
CA GLU A 10 12.21 1.65 -7.24
C GLU A 10 12.42 1.32 -5.76
N PRO A 11 13.70 1.23 -5.33
CA PRO A 11 13.94 0.87 -3.93
C PRO A 11 13.60 1.95 -2.97
N GLY A 12 12.77 1.61 -1.99
CA GLY A 12 12.37 2.57 -1.01
C GLY A 12 11.20 2.09 -0.19
N VAL A 13 10.55 3.01 0.54
CA VAL A 13 9.40 2.72 1.39
C VAL A 13 8.28 3.64 1.05
N TYR A 14 7.08 3.12 0.96
CA TYR A 14 5.86 3.94 0.81
C TYR A 14 5.30 4.19 2.19
N VAL A 15 5.18 5.47 2.50
CA VAL A 15 4.67 5.93 3.74
C VAL A 15 3.27 6.52 3.57
N CYS A 16 2.52 6.68 4.67
CA CYS A 16 1.22 7.35 4.64
C CYS A 16 1.41 8.80 4.17
N ALA A 17 0.67 9.18 3.11
CA ALA A 17 0.79 10.55 2.61
C ALA A 17 0.35 11.59 3.63
N LYS A 18 -0.50 11.20 4.59
CA LYS A 18 -1.04 12.12 5.56
C LYS A 18 -0.18 12.27 6.79
N CYS A 19 0.38 11.20 7.33
CA CYS A 19 1.12 11.31 8.60
C CYS A 19 2.55 10.79 8.56
N GLY A 20 2.94 10.11 7.48
CA GLY A 20 4.29 9.61 7.31
C GLY A 20 4.58 8.27 7.93
N TYR A 21 3.62 7.59 8.52
CA TYR A 21 3.90 6.26 9.08
C TYR A 21 4.29 5.32 7.93
N GLU A 22 5.24 4.43 8.20
CA GLU A 22 5.70 3.50 7.17
C GLU A 22 4.67 2.42 6.93
N LEU A 23 4.31 2.23 5.66
CA LEU A 23 3.24 1.29 5.26
C LEU A 23 3.72 0.09 4.48
N PHE A 24 4.40 0.32 3.34
CA PHE A 24 4.78 -0.78 2.46
C PHE A 24 6.20 -0.60 1.97
N SER A 25 6.95 -1.67 2.01
CA SER A 25 8.30 -1.70 1.44
C SER A 25 8.21 -1.93 -0.08
N SER A 26 9.12 -1.35 -0.84
CA SER A 26 9.35 -1.76 -2.23
C SER A 26 9.53 -3.26 -2.36
N ARG A 27 10.06 -3.90 -1.34
CA ARG A 27 10.31 -5.35 -1.27
CA ARG A 27 10.32 -5.32 -1.42
C ARG A 27 9.06 -6.17 -1.41
N SER A 28 7.95 -5.57 -0.99
CA SER A 28 6.64 -6.22 -0.93
CA SER A 28 6.66 -6.24 -0.94
C SER A 28 5.81 -5.97 -2.18
N LYS A 29 6.27 -5.08 -3.06
CA LYS A 29 5.53 -4.68 -4.24
C LYS A 29 5.70 -5.64 -5.36
N TYR A 30 4.68 -5.83 -6.19
CA TYR A 30 4.79 -6.75 -7.33
C TYR A 30 3.91 -6.25 -8.45
N ALA A 31 4.19 -6.71 -9.67
CA ALA A 31 3.48 -6.21 -10.82
C ALA A 31 2.12 -6.92 -10.93
N HIS A 32 1.11 -6.11 -11.20
CA HIS A 32 -0.29 -6.58 -11.28
C HIS A 32 -1.03 -5.86 -12.39
N SER A 33 -2.12 -6.45 -12.86
CA SER A 33 -2.87 -5.87 -13.97
C SER A 33 -3.81 -4.73 -13.57
N SER A 34 -4.13 -4.60 -12.30
CA SER A 34 -5.08 -3.56 -11.96
CA SER A 34 -5.04 -3.56 -11.82
C SER A 34 -4.42 -2.17 -11.99
N PRO A 35 -5.23 -1.12 -11.99
CA PRO A 35 -4.71 0.21 -12.00
C PRO A 35 -3.94 0.66 -10.77
N TRP A 36 -3.96 -0.07 -9.66
CA TRP A 36 -3.41 0.37 -8.38
C TRP A 36 -2.17 -0.43 -8.00
N PRO A 37 -1.19 0.22 -7.35
CA PRO A 37 -0.07 -0.52 -6.81
C PRO A 37 -0.52 -1.64 -5.88
N ALA A 38 0.21 -2.76 -6.00
CA ALA A 38 -0.05 -4.04 -5.34
C ALA A 38 1.10 -4.45 -4.47
N PHE A 39 0.79 -4.80 -3.23
CA PHE A 39 1.78 -5.21 -2.21
C PHE A 39 1.32 -6.45 -1.49
N THR A 40 2.24 -7.24 -0.96
CA THR A 40 1.84 -8.45 -0.24
C THR A 40 1.78 -8.33 1.28
N GLU A 41 2.44 -7.33 1.85
CA GLU A 41 2.52 -7.21 3.29
C GLU A 41 2.90 -5.82 3.68
N THR A 42 2.64 -5.46 4.92
CA THR A 42 2.98 -4.17 5.44
C THR A 42 4.29 -4.19 6.18
N ILE A 43 4.83 -3.01 6.46
CA ILE A 43 6.11 -2.86 7.15
C ILE A 43 5.99 -3.18 8.63
N HIS A 44 5.01 -2.58 9.28
CA HIS A 44 4.76 -2.82 10.69
C HIS A 44 3.49 -3.59 10.91
N ALA A 45 3.37 -4.29 12.02
CA ALA A 45 2.17 -5.03 12.32
C ALA A 45 0.97 -4.09 12.43
N ASP A 46 1.19 -2.85 12.88
CA ASP A 46 0.12 -1.86 13.02
C ASP A 46 0.11 -0.81 11.91
N SER A 47 0.75 -1.08 10.76
CA SER A 47 0.75 -0.15 9.66
C SER A 47 -0.65 0.17 9.19
N VAL A 48 -1.50 -0.84 9.10
CA VAL A 48 -2.90 -0.64 8.65
C VAL A 48 -3.92 -1.09 9.67
N ALA A 49 -5.07 -0.41 9.65
CA ALA A 49 -6.26 -0.84 10.34
C ALA A 49 -7.17 -1.42 9.30
N LYS A 50 -7.90 -2.48 9.66
CA LYS A 50 -8.74 -3.18 8.73
C LYS A 50 -10.17 -3.11 9.16
N ARG A 51 -11.04 -3.09 8.16
CA ARG A 51 -12.50 -3.14 8.39
C ARG A 51 -13.10 -4.01 7.32
N PRO A 52 -14.25 -4.64 7.59
CA PRO A 52 -14.87 -5.38 6.55
C PRO A 52 -15.23 -4.57 5.34
N GLU A 53 -15.12 -5.17 4.16
CA GLU A 53 -15.72 -4.63 2.94
C GLU A 53 -16.95 -5.51 2.66
N HIS A 54 -18.13 -5.06 3.06
CA HIS A 54 -19.28 -5.94 3.16
C HIS A 54 -19.81 -6.44 1.84
N ASN A 55 -19.54 -5.71 0.79
CA ASN A 55 -20.15 -6.05 -0.46
C ASN A 55 -19.20 -6.80 -1.40
N ARG A 56 -18.03 -7.22 -0.90
CA ARG A 56 -17.16 -8.08 -1.71
C ARG A 56 -16.53 -9.18 -0.85
N SER A 57 -16.69 -10.44 -1.25
CA SER A 57 -16.05 -11.52 -0.56
C SER A 57 -14.51 -11.40 -0.68
N GLU A 58 -13.85 -11.98 0.30
CA GLU A 58 -12.40 -12.02 0.34
C GLU A 58 -11.78 -10.64 0.16
N ALA A 59 -12.34 -9.64 0.82
CA ALA A 59 -11.90 -8.28 0.70
C ALA A 59 -12.20 -7.50 1.96
N LEU A 60 -11.19 -6.74 2.39
CA LEU A 60 -11.25 -5.81 3.52
C LEU A 60 -10.88 -4.40 3.09
N LYS A 61 -11.38 -3.40 3.78
CA LYS A 61 -10.91 -2.03 3.62
C LYS A 61 -9.71 -1.83 4.52
N VAL A 62 -8.73 -1.05 4.06
CA VAL A 62 -7.56 -0.77 4.87
C VAL A 62 -7.35 0.74 4.96
N SER A 63 -6.96 1.17 6.16
CA SER A 63 -6.65 2.57 6.47
CA SER A 63 -6.63 2.56 6.43
C SER A 63 -5.33 2.63 7.22
N CYS A 64 -4.74 3.82 7.29
CA CYS A 64 -3.51 3.98 8.05
C CYS A 64 -3.78 3.69 9.52
N GLY A 65 -2.92 2.86 10.10
CA GLY A 65 -3.07 2.45 11.50
C GLY A 65 -2.83 3.57 12.49
N LYS A 66 -2.13 4.63 12.07
CA LYS A 66 -1.85 5.76 12.96
CA LYS A 66 -1.79 5.77 12.93
C LYS A 66 -2.81 6.90 12.82
N CYS A 67 -3.16 7.30 11.61
CA CYS A 67 -4.04 8.44 11.42
C CYS A 67 -5.39 8.14 10.85
N GLY A 68 -5.65 6.92 10.39
CA GLY A 68 -6.97 6.55 9.86
C GLY A 68 -7.24 6.92 8.41
N ASN A 69 -6.28 7.53 7.74
CA ASN A 69 -6.50 7.87 6.35
C ASN A 69 -6.76 6.63 5.50
N GLY A 70 -7.74 6.71 4.62
CA GLY A 70 -8.11 5.59 3.80
C GLY A 70 -7.02 5.26 2.82
N LEU A 71 -6.73 3.98 2.69
CA LEU A 71 -5.66 3.48 1.79
C LEU A 71 -6.14 2.69 0.60
N GLY A 72 -7.16 1.86 0.75
CA GLY A 72 -7.59 0.98 -0.30
C GLY A 72 -8.11 -0.29 0.29
N HIS A 73 -7.67 -1.43 -0.24
CA HIS A 73 -8.25 -2.72 0.07
C HIS A 73 -7.19 -3.77 0.29
N GLU A 74 -7.52 -4.80 1.07
CA GLU A 74 -6.76 -6.01 1.15
C GLU A 74 -7.59 -7.11 0.54
N PHE A 75 -7.14 -7.71 -0.54
CA PHE A 75 -7.82 -8.82 -1.18
C PHE A 75 -7.18 -10.11 -0.69
N LEU A 76 -7.97 -10.84 0.08
CA LEU A 76 -7.54 -12.06 0.76
C LEU A 76 -7.33 -13.17 -0.25
N ASN A 77 -6.20 -13.83 -0.14
CA ASN A 77 -5.91 -14.99 -0.96
C ASN A 77 -5.83 -14.62 -2.42
N ASP A 78 -5.43 -13.40 -2.71
CA ASP A 78 -5.39 -12.88 -4.06
C ASP A 78 -3.99 -12.48 -4.46
N GLY A 79 -3.01 -12.76 -3.62
CA GLY A 79 -1.63 -12.40 -3.92
C GLY A 79 -0.92 -13.34 -4.85
N PRO A 80 0.36 -13.09 -5.05
CA PRO A 80 1.09 -13.81 -6.06
C PRO A 80 1.39 -15.24 -5.72
N LYS A 81 1.48 -15.58 -4.42
CA LYS A 81 1.60 -16.96 -3.96
C LYS A 81 0.36 -17.33 -3.14
N PRO A 82 0.04 -18.62 -3.07
CA PRO A 82 -1.16 -19.04 -2.36
C PRO A 82 -1.25 -18.54 -0.94
N GLY A 83 -2.42 -18.04 -0.59
CA GLY A 83 -2.70 -17.54 0.75
C GLY A 83 -2.23 -16.10 1.01
N GLN A 84 -1.42 -15.53 0.09
CA GLN A 84 -1.00 -14.16 0.26
C GLN A 84 -2.13 -13.24 -0.11
N SER A 85 -2.12 -12.06 0.49
CA SER A 85 -3.01 -11.00 0.17
C SER A 85 -2.45 -10.15 -0.94
N ARG A 86 -3.35 -9.47 -1.63
CA ARG A 86 -3.03 -8.32 -2.45
C ARG A 86 -3.55 -7.06 -1.79
N PHE A 87 -2.66 -6.23 -1.28
CA PHE A 87 -3.00 -4.89 -0.79
C PHE A 87 -3.00 -3.99 -2.03
N SER A 88 -4.16 -3.45 -2.38
CA SER A 88 -4.36 -2.63 -3.55
C SER A 88 -4.67 -1.23 -3.07
N ILE A 89 -3.74 -0.31 -3.31
CA ILE A 89 -3.68 0.93 -2.59
C ILE A 89 -3.79 2.13 -3.54
N PHE A 90 -4.51 3.16 -3.16
CA PHE A 90 -4.53 4.44 -3.87
C PHE A 90 -3.16 5.09 -3.83
N SER A 91 -2.63 5.49 -4.97
CA SER A 91 -1.36 6.19 -4.98
C SER A 91 -1.44 7.48 -4.20
N SER A 92 -2.57 8.19 -4.23
CA SER A 92 -2.71 9.44 -3.49
C SER A 92 -2.61 9.24 -1.99
N SER A 93 -2.76 8.00 -1.50
CA SER A 93 -2.65 7.73 -0.06
CA SER A 93 -2.64 7.74 -0.05
C SER A 93 -1.20 7.46 0.37
N LEU A 94 -0.29 7.42 -0.59
CA LEU A 94 1.11 7.05 -0.34
C LEU A 94 2.05 8.16 -0.74
N LYS A 95 3.18 8.22 -0.05
CA LYS A 95 4.32 9.00 -0.50
C LYS A 95 5.50 8.07 -0.57
N PHE A 96 6.25 8.13 -1.66
CA PHE A 96 7.41 7.25 -1.80
C PHE A 96 8.65 7.92 -1.27
N VAL A 97 9.33 7.24 -0.36
CA VAL A 97 10.63 7.68 0.19
C VAL A 97 11.72 6.83 -0.47
N PRO A 98 12.49 7.42 -1.41
CA PRO A 98 13.46 6.62 -2.09
C PRO A 98 14.68 6.40 -1.21
N LYS A 99 15.24 5.21 -1.25
CA LYS A 99 16.52 4.95 -0.57
C LYS A 99 17.56 5.88 -1.15
N GLY A 100 18.28 6.56 -0.30
CA GLY A 100 19.39 7.40 -0.76
C GLY A 100 19.03 8.81 -1.13
N LYS A 101 17.74 9.11 -1.30
CA LYS A 101 17.37 10.31 -2.09
C LYS A 101 16.28 11.10 -1.44
N GLU A 102 16.19 11.03 -0.10
CA GLU A 102 15.20 11.84 0.60
C GLU A 102 15.74 13.27 0.81
N THR A 103 15.73 14.05 -0.25
CA THR A 103 16.40 15.34 -0.27
C THR A 103 15.48 16.40 0.31
N SER A 104 16.06 17.57 0.58
CA SER A 104 15.31 18.62 1.25
C SER A 104 14.28 19.23 0.30
N ALA A 105 13.28 19.92 0.85
CA ALA A 105 12.18 20.51 0.06
C ALA A 105 12.60 21.69 -0.82
FE FE B . -1.30 7.99 8.44
NA NA C . -15.51 -8.52 2.30
NA NA D . 5.52 -7.22 7.35
C1 MLI E . -10.00 -3.85 -7.52
C1 MLI E . -9.68 -3.36 -8.05
C2 MLI E . -8.91 -3.07 -6.82
C2 MLI E . -8.81 -2.92 -6.90
C3 MLI E . -9.45 -5.16 -8.06
C3 MLI E . -10.14 -4.79 -7.92
O6 MLI E . -9.28 -2.21 -6.00
O6 MLI E . -9.32 -2.27 -5.96
O7 MLI E . -7.70 -3.33 -7.08
O7 MLI E . -7.60 -3.25 -6.96
O8 MLI E . -9.68 -6.22 -7.43
O8 MLI E . -9.31 -5.68 -8.22
O9 MLI E . -8.76 -5.17 -9.11
O9 MLI E . -11.31 -4.97 -7.55
C1 MLI F . -4.78 5.32 -9.57
C2 MLI F . -3.82 5.28 -8.40
C3 MLI F . -5.97 6.22 -9.29
O6 MLI F . -4.21 5.52 -7.26
O7 MLI F . -2.65 4.92 -8.70
O8 MLI F . -6.98 5.79 -8.62
O9 MLI F . -5.87 7.39 -9.75
#